data_9LKI
#
_entry.id   9LKI
#
_cell.length_a   40.620
_cell.length_b   82.340
_cell.length_c   65.440
_cell.angle_alpha   90.000
_cell.angle_beta   94.163
_cell.angle_gamma   90.000
#
_symmetry.space_group_name_H-M   'P 1 21 1'
#
loop_
_entity.id
_entity.type
_entity.pdbx_description
1 polymer 'Aciniform spidroin 1'
2 water water
#
_entity_poly.entity_id   1
_entity_poly.type   'polypeptide(L)'
_entity_poly.pdbx_seq_one_letter_code
;GSSKSPWANPAKANAFMKCLIQKISTSPVFPQQEKEDMEEIVETMMSAFSSMSTSGGSNAAKLQAMNMAFASSMAELVIA
EDADNPDSISIKTEALAKSLQQCFKSTLGSVNRHFIAEIKDLIGMFAREAAAMEEAGDEEEETY
;
_entity_poly.pdbx_strand_id   D,C,A,B
#
# COMPACT_ATOMS: atom_id res chain seq x y z
N PRO A 6 -17.58 17.81 -10.22
CA PRO A 6 -17.35 18.47 -8.93
C PRO A 6 -16.51 19.74 -9.05
N TRP A 7 -17.08 20.87 -8.63
CA TRP A 7 -16.47 22.19 -8.72
C TRP A 7 -15.70 22.37 -10.03
N ALA A 8 -16.35 21.99 -11.12
CA ALA A 8 -15.79 22.21 -12.45
C ALA A 8 -16.00 23.65 -12.89
N ASN A 9 -17.27 24.03 -13.12
CA ASN A 9 -17.60 25.38 -13.54
C ASN A 9 -17.14 26.39 -12.49
N PRO A 10 -16.73 27.59 -12.91
CA PRO A 10 -16.10 28.53 -11.95
C PRO A 10 -17.01 28.96 -10.82
N ALA A 11 -18.31 29.15 -11.10
CA ALA A 11 -19.22 29.60 -10.05
C ALA A 11 -19.32 28.59 -8.92
N LYS A 12 -19.46 27.30 -9.28
CA LYS A 12 -19.53 26.26 -8.25
C LYS A 12 -18.21 26.16 -7.49
N ALA A 13 -17.08 26.40 -8.16
CA ALA A 13 -15.78 26.23 -7.52
C ALA A 13 -15.52 27.33 -6.49
N ASN A 14 -15.98 28.55 -6.75
CA ASN A 14 -15.72 29.64 -5.81
C ASN A 14 -16.55 29.49 -4.55
N ALA A 15 -17.80 29.03 -4.68
CA ALA A 15 -18.64 28.84 -3.51
C ALA A 15 -18.13 27.72 -2.63
N PHE A 16 -17.68 26.61 -3.24
CA PHE A 16 -17.08 25.53 -2.47
C PHE A 16 -15.76 25.96 -1.84
N MET A 17 -15.00 26.82 -2.54
CA MET A 17 -13.74 27.31 -1.99
C MET A 17 -13.98 28.17 -0.75
N LYS A 18 -14.89 29.15 -0.85
CA LYS A 18 -15.17 30.02 0.28
C LYS A 18 -15.72 29.21 1.46
N CYS A 19 -16.56 28.22 1.18
CA CYS A 19 -17.10 27.40 2.26
C CYS A 19 -15.99 26.58 2.92
N LEU A 20 -15.16 25.93 2.11
CA LEU A 20 -14.13 25.05 2.66
C LEU A 20 -13.14 25.85 3.50
N ILE A 21 -12.66 26.98 2.97
CA ILE A 21 -11.71 27.80 3.71
C ILE A 21 -12.32 28.26 5.03
N GLN A 22 -13.61 28.61 5.02
CA GLN A 22 -14.29 29.01 6.25
C GLN A 22 -14.44 27.84 7.21
N LYS A 23 -14.65 26.63 6.69
CA LYS A 23 -14.80 25.47 7.57
C LYS A 23 -13.46 25.05 8.16
N ILE A 24 -12.38 25.18 7.39
CA ILE A 24 -11.06 24.81 7.91
C ILE A 24 -10.60 25.81 8.96
N SER A 25 -10.79 27.11 8.70
CA SER A 25 -10.35 28.13 9.63
C SER A 25 -11.09 28.06 10.96
N THR A 26 -12.37 27.66 10.93
CA THR A 26 -13.18 27.61 12.14
C THR A 26 -13.03 26.30 12.90
N SER A 27 -12.38 25.30 12.32
CA SER A 27 -12.27 23.99 12.96
C SER A 27 -11.25 24.04 14.11
N PRO A 28 -11.58 23.51 15.29
CA PRO A 28 -10.60 23.47 16.37
C PRO A 28 -9.65 22.28 16.29
N VAL A 29 -10.04 21.21 15.59
CA VAL A 29 -9.18 20.04 15.49
C VAL A 29 -7.89 20.37 14.76
N PHE A 30 -7.99 21.10 13.66
CA PHE A 30 -6.81 21.46 12.89
C PHE A 30 -5.94 22.44 13.67
N PRO A 31 -4.62 22.28 13.63
CA PRO A 31 -3.75 23.28 14.25
C PRO A 31 -3.65 24.55 13.42
N GLN A 32 -2.89 25.53 13.91
CA GLN A 32 -2.81 26.82 13.23
C GLN A 32 -2.08 26.70 11.89
N GLN A 33 -0.99 25.94 11.84
CA GLN A 33 -0.21 25.84 10.61
C GLN A 33 -1.00 25.14 9.51
N GLU A 34 -1.71 24.05 9.84
CA GLU A 34 -2.41 23.30 8.81
C GLU A 34 -3.57 24.09 8.21
N LYS A 35 -4.22 24.93 9.01
CA LYS A 35 -5.23 25.82 8.46
C LYS A 35 -4.65 26.70 7.35
N GLU A 36 -3.41 27.15 7.52
CA GLU A 36 -2.78 27.99 6.51
C GLU A 36 -2.41 27.18 5.28
N ASP A 37 -1.71 26.05 5.48
CA ASP A 37 -1.29 25.23 4.35
C ASP A 37 -2.47 24.65 3.60
N MET A 38 -3.56 24.32 4.29
CA MET A 38 -4.74 23.83 3.61
C MET A 38 -5.37 24.93 2.75
N GLU A 39 -5.38 26.17 3.27
CA GLU A 39 -5.94 27.29 2.51
C GLU A 39 -5.15 27.52 1.22
N GLU A 40 -3.82 27.42 1.30
CA GLU A 40 -3.00 27.59 0.10
C GLU A 40 -3.28 26.50 -0.91
N ILE A 41 -3.46 25.26 -0.45
CA ILE A 41 -3.65 24.14 -1.37
C ILE A 41 -5.02 24.20 -2.02
N VAL A 42 -6.06 24.56 -1.26
CA VAL A 42 -7.40 24.60 -1.84
C VAL A 42 -7.56 25.80 -2.75
N GLU A 43 -6.88 26.91 -2.46
CA GLU A 43 -6.91 28.03 -3.39
C GLU A 43 -6.07 27.74 -4.63
N THR A 44 -4.93 27.08 -4.45
CA THR A 44 -4.12 26.67 -5.58
C THR A 44 -4.86 25.66 -6.45
N MET A 45 -5.52 24.68 -5.83
CA MET A 45 -6.21 23.65 -6.60
C MET A 45 -7.43 24.21 -7.32
N MET A 46 -8.24 25.01 -6.63
CA MET A 46 -9.47 25.51 -7.25
C MET A 46 -9.18 26.46 -8.42
N SER A 47 -8.06 27.19 -8.35
CA SER A 47 -7.67 28.02 -9.49
C SER A 47 -7.34 27.16 -10.70
N ALA A 48 -6.93 25.91 -10.49
CA ALA A 48 -6.71 24.99 -11.60
C ALA A 48 -8.03 24.53 -12.20
N PHE A 49 -9.06 24.36 -11.36
CA PHE A 49 -10.38 23.98 -11.87
C PHE A 49 -10.98 25.10 -12.69
N SER A 50 -10.76 26.35 -12.30
CA SER A 50 -11.32 27.51 -12.98
C SER A 50 -10.65 27.79 -14.33
N SER A 51 -9.47 27.19 -14.58
CA SER A 51 -8.78 27.37 -15.86
C SER A 51 -9.42 26.60 -17.00
N MET A 52 -10.16 25.54 -16.73
CA MET A 52 -10.82 24.76 -17.77
C MET A 52 -12.34 24.73 -17.59
N SER A 53 -12.82 24.14 -16.49
CA SER A 53 -14.23 24.22 -16.07
C SER A 53 -15.19 23.52 -17.03
N THR A 54 -16.46 23.43 -16.62
CA THR A 54 -17.54 22.81 -17.39
C THR A 54 -17.19 21.38 -17.78
N SER A 55 -17.83 20.88 -18.85
CA SER A 55 -17.55 19.56 -19.38
C SER A 55 -16.73 19.61 -20.67
N GLY A 56 -16.56 20.78 -21.27
CA GLY A 56 -15.75 20.91 -22.46
C GLY A 56 -14.30 21.16 -22.13
N GLY A 57 -14.03 22.22 -21.36
CA GLY A 57 -12.67 22.48 -20.92
C GLY A 57 -12.19 21.44 -19.92
N SER A 58 -13.04 21.08 -18.95
CA SER A 58 -12.73 20.03 -17.98
C SER A 58 -13.53 18.79 -18.35
N ASN A 59 -13.02 18.06 -19.34
CA ASN A 59 -13.62 16.79 -19.72
C ASN A 59 -13.50 15.79 -18.56
N ALA A 60 -14.25 14.69 -18.68
CA ALA A 60 -14.33 13.71 -17.60
C ALA A 60 -12.94 13.24 -17.18
N ALA A 61 -12.10 12.90 -18.16
CA ALA A 61 -10.75 12.47 -17.85
C ALA A 61 -9.96 13.57 -17.16
N LYS A 62 -10.03 14.80 -17.69
CA LYS A 62 -9.31 15.91 -17.10
C LYS A 62 -9.91 16.33 -15.76
N LEU A 63 -11.23 16.16 -15.59
CA LEU A 63 -11.88 16.51 -14.34
C LEU A 63 -11.57 15.51 -13.24
N GLN A 64 -11.76 14.21 -13.52
CA GLN A 64 -11.52 13.19 -12.51
C GLN A 64 -10.05 13.16 -12.09
N ALA A 65 -9.14 13.55 -12.98
CA ALA A 65 -7.75 13.67 -12.61
C ALA A 65 -7.54 14.79 -11.61
N MET A 66 -8.17 15.95 -11.86
CA MET A 66 -8.03 17.08 -10.94
C MET A 66 -8.77 16.82 -9.62
N ASN A 67 -9.88 16.08 -9.66
CA ASN A 67 -10.60 15.78 -8.43
C ASN A 67 -9.73 15.01 -7.46
N MET A 68 -9.15 13.90 -7.91
CA MET A 68 -8.25 13.14 -7.05
C MET A 68 -6.96 13.90 -6.77
N ALA A 69 -6.56 14.79 -7.67
CA ALA A 69 -5.45 15.69 -7.36
C ALA A 69 -5.82 16.63 -6.23
N PHE A 70 -7.04 17.18 -6.25
CA PHE A 70 -7.51 17.99 -5.15
C PHE A 70 -7.75 17.15 -3.90
N ALA A 71 -8.19 15.90 -4.08
CA ALA A 71 -8.41 15.03 -2.93
C ALA A 71 -7.09 14.58 -2.31
N SER A 72 -6.09 14.29 -3.15
CA SER A 72 -4.80 13.87 -2.63
C SER A 72 -4.04 15.03 -2.00
N SER A 73 -4.19 16.24 -2.54
CA SER A 73 -3.51 17.40 -1.95
C SER A 73 -4.00 17.65 -0.54
N MET A 74 -5.28 17.43 -0.29
CA MET A 74 -5.80 17.52 1.08
C MET A 74 -5.47 16.28 1.90
N ALA A 75 -5.40 15.12 1.24
CA ALA A 75 -5.10 13.87 1.95
C ALA A 75 -3.67 13.87 2.47
N GLU A 76 -2.71 14.18 1.59
CA GLU A 76 -1.31 14.16 2.01
C GLU A 76 -1.00 15.28 3.00
N LEU A 77 -1.64 16.45 2.83
CA LEU A 77 -1.43 17.55 3.77
C LEU A 77 -1.83 17.12 5.18
N VAL A 78 -2.91 16.35 5.30
CA VAL A 78 -3.28 15.78 6.59
C VAL A 78 -2.27 14.71 6.99
N ILE A 79 -1.83 13.89 6.03
CA ILE A 79 -0.87 12.83 6.32
C ILE A 79 0.47 13.42 6.75
N ALA A 80 0.92 14.48 6.09
CA ALA A 80 2.23 15.04 6.38
C ALA A 80 2.28 15.64 7.78
N GLU A 81 1.31 16.48 8.13
CA GLU A 81 1.31 17.19 9.41
C GLU A 81 0.64 16.33 10.50
N ASP A 82 1.18 15.12 10.62
CA ASP A 82 0.71 14.23 11.70
C ASP A 82 1.65 14.52 12.87
N ALA A 83 1.94 15.81 13.10
CA ALA A 83 2.86 16.20 14.19
C ALA A 83 2.32 15.68 15.52
N ASP A 84 1.02 15.40 15.58
CA ASP A 84 0.45 14.77 16.80
C ASP A 84 0.62 13.26 16.66
N ASN A 85 1.34 12.79 15.64
CA ASN A 85 1.62 11.35 15.38
C ASN A 85 0.45 10.73 14.60
N PRO A 86 0.69 9.68 13.76
CA PRO A 86 -0.43 8.97 13.12
C PRO A 86 -1.43 8.44 14.13
N ASP A 87 -0.97 8.15 15.36
CA ASP A 87 -1.85 7.63 16.43
C ASP A 87 -3.22 8.32 16.37
N SER A 88 -3.24 9.60 16.06
CA SER A 88 -4.52 10.35 16.03
C SER A 88 -4.66 11.15 14.74
N ILE A 89 -4.79 10.46 13.60
CA ILE A 89 -5.08 11.22 12.38
C ILE A 89 -6.53 11.06 11.94
N SER A 90 -7.28 10.13 12.52
CA SER A 90 -8.69 10.00 12.18
C SER A 90 -9.48 11.24 12.58
N ILE A 91 -9.08 11.89 13.69
CA ILE A 91 -9.74 13.13 14.09
C ILE A 91 -9.63 14.18 12.99
N LYS A 92 -8.46 14.27 12.35
CA LYS A 92 -8.31 15.20 11.23
C LYS A 92 -8.96 14.67 9.97
N THR A 93 -9.10 13.34 9.84
CA THR A 93 -9.77 12.78 8.69
C THR A 93 -11.28 13.02 8.75
N GLU A 94 -11.89 12.71 9.90
CA GLU A 94 -13.32 12.94 10.06
C GLU A 94 -13.66 14.42 10.02
N ALA A 95 -12.78 15.27 10.55
CA ALA A 95 -13.03 16.71 10.51
C ALA A 95 -13.00 17.23 9.08
N LEU A 96 -12.04 16.77 8.27
CA LEU A 96 -12.05 17.12 6.86
C LEU A 96 -13.24 16.49 6.15
N ALA A 97 -13.66 15.29 6.58
CA ALA A 97 -14.84 14.66 6.00
C ALA A 97 -16.10 15.46 6.30
N LYS A 98 -16.24 15.93 7.54
CA LYS A 98 -17.41 16.75 7.89
C LYS A 98 -17.41 18.06 7.12
N SER A 99 -16.27 18.76 7.10
CA SER A 99 -16.18 20.04 6.42
C SER A 99 -16.53 19.92 4.94
N LEU A 100 -16.20 18.78 4.32
CA LEU A 100 -16.57 18.57 2.93
C LEU A 100 -18.05 18.27 2.80
N GLN A 101 -18.63 17.55 3.76
CA GLN A 101 -20.03 17.13 3.65
C GLN A 101 -20.98 18.33 3.69
N GLN A 102 -20.74 19.28 4.60
CA GLN A 102 -21.64 20.43 4.67
C GLN A 102 -21.43 21.39 3.52
N CYS A 103 -20.18 21.56 3.06
CA CYS A 103 -19.95 22.38 1.88
C CYS A 103 -20.54 21.73 0.63
N PHE A 104 -20.59 20.40 0.59
CA PHE A 104 -21.31 19.73 -0.48
C PHE A 104 -22.80 20.07 -0.44
N LYS A 105 -23.41 19.97 0.75
CA LYS A 105 -24.84 20.22 0.87
C LYS A 105 -25.17 21.69 0.68
N SER A 106 -24.34 22.58 1.20
CA SER A 106 -24.64 24.01 1.14
C SER A 106 -24.24 24.66 -0.18
N THR A 107 -23.57 23.94 -1.07
CA THR A 107 -23.19 24.50 -2.37
C THR A 107 -23.63 23.67 -3.57
N LEU A 108 -24.05 22.41 -3.37
CA LEU A 108 -24.47 21.58 -4.47
C LEU A 108 -25.78 20.81 -4.23
N GLY A 109 -26.33 20.87 -3.03
CA GLY A 109 -27.62 20.24 -2.77
C GLY A 109 -27.54 18.94 -1.99
N SER A 110 -26.59 18.09 -2.36
CA SER A 110 -26.45 16.79 -1.72
C SER A 110 -25.00 16.53 -1.35
N VAL A 111 -24.68 15.29 -0.96
CA VAL A 111 -23.32 14.90 -0.62
C VAL A 111 -22.84 13.90 -1.66
N ASN A 112 -21.54 13.94 -1.94
CA ASN A 112 -20.92 12.99 -2.85
C ASN A 112 -20.16 11.97 -2.02
N ARG A 113 -20.81 10.85 -1.72
CA ARG A 113 -20.18 9.79 -0.93
C ARG A 113 -18.98 9.17 -1.63
N HIS A 114 -18.78 9.45 -2.92
CA HIS A 114 -17.62 8.91 -3.64
C HIS A 114 -16.37 9.73 -3.32
N PHE A 115 -16.42 11.05 -3.55
CA PHE A 115 -15.26 11.89 -3.27
C PHE A 115 -14.89 11.86 -1.80
N ILE A 116 -15.85 11.58 -0.92
CA ILE A 116 -15.55 11.48 0.50
C ILE A 116 -14.79 10.19 0.80
N ALA A 117 -15.32 9.05 0.36
CA ALA A 117 -14.67 7.77 0.63
C ALA A 117 -13.33 7.66 -0.10
N GLU A 118 -13.19 8.35 -1.23
CA GLU A 118 -11.89 8.39 -1.90
C GLU A 118 -10.83 9.00 -1.00
N ILE A 119 -11.14 10.12 -0.36
CA ILE A 119 -10.21 10.73 0.58
C ILE A 119 -9.87 9.74 1.69
N LYS A 120 -10.88 9.00 2.18
CA LYS A 120 -10.62 7.95 3.15
C LYS A 120 -9.65 6.91 2.58
N ASP A 121 -9.85 6.52 1.32
CA ASP A 121 -8.90 5.61 0.68
C ASP A 121 -7.56 6.30 0.43
N LEU A 122 -7.59 7.58 0.03
CA LEU A 122 -6.35 8.29 -0.23
C LEU A 122 -5.56 8.52 1.06
N ILE A 123 -6.25 8.96 2.13
CA ILE A 123 -5.57 9.13 3.41
C ILE A 123 -5.09 7.79 3.94
N GLY A 124 -5.90 6.74 3.77
CA GLY A 124 -5.51 5.43 4.27
C GLY A 124 -4.29 4.87 3.56
N MET A 125 -4.26 4.99 2.22
CA MET A 125 -3.13 4.44 1.49
C MET A 125 -1.89 5.32 1.63
N PHE A 126 -2.08 6.64 1.69
CA PHE A 126 -0.94 7.53 1.94
C PHE A 126 -0.34 7.33 3.32
N ALA A 127 -1.09 6.72 4.25
CA ALA A 127 -0.53 6.44 5.57
C ALA A 127 0.57 5.40 5.49
N ARG A 128 0.40 4.39 4.63
CA ARG A 128 1.42 3.37 4.46
C ARG A 128 2.13 3.54 3.13
N PRO B 6 12.41 14.07 -3.87
CA PRO B 6 11.86 14.53 -5.15
C PRO B 6 12.52 15.83 -5.62
N TRP B 7 11.71 16.77 -6.11
CA TRP B 7 12.19 18.06 -6.56
C TRP B 7 11.88 19.13 -5.53
N ALA B 8 12.46 20.30 -5.75
CA ALA B 8 12.25 21.43 -4.85
C ALA B 8 12.34 22.75 -5.60
N ASN B 9 13.46 22.99 -6.28
CA ASN B 9 13.63 24.22 -7.02
C ASN B 9 12.66 24.26 -8.20
N PRO B 10 12.06 25.42 -8.49
CA PRO B 10 11.21 25.51 -9.68
C PRO B 10 11.97 25.28 -10.97
N ALA B 11 13.26 25.59 -11.01
CA ALA B 11 14.07 25.32 -12.18
C ALA B 11 14.16 23.82 -12.46
N LYS B 12 13.97 22.98 -11.44
CA LYS B 12 13.99 21.53 -11.61
C LYS B 12 12.61 20.98 -11.95
N ALA B 13 11.58 21.45 -11.25
CA ALA B 13 10.22 20.99 -11.55
C ALA B 13 9.77 21.44 -12.93
N ASN B 14 10.14 22.66 -13.33
CA ASN B 14 9.75 23.17 -14.64
C ASN B 14 10.43 22.38 -15.75
N ALA B 15 11.76 22.19 -15.64
CA ALA B 15 12.47 21.41 -16.65
C ALA B 15 12.02 19.95 -16.64
N PHE B 16 11.53 19.46 -15.50
CA PHE B 16 10.99 18.10 -15.44
C PHE B 16 9.70 18.00 -16.23
N MET B 17 8.83 18.99 -16.12
CA MET B 17 7.58 18.99 -16.89
C MET B 17 7.86 19.11 -18.39
N LYS B 18 8.79 20.01 -18.76
CA LYS B 18 9.09 20.22 -20.17
C LYS B 18 9.68 18.96 -20.80
N CYS B 19 10.53 18.25 -20.05
CA CYS B 19 10.98 16.94 -20.51
C CYS B 19 9.81 15.96 -20.58
N LEU B 20 8.94 15.99 -19.57
CA LEU B 20 7.79 15.09 -19.55
C LEU B 20 6.81 15.42 -20.66
N ILE B 21 6.60 16.70 -20.93
CA ILE B 21 5.69 17.09 -22.00
C ILE B 21 6.28 16.77 -23.37
N GLN B 22 7.59 16.59 -23.45
CA GLN B 22 8.20 16.18 -24.71
C GLN B 22 8.15 14.66 -24.86
N LYS B 23 8.33 13.93 -23.75
CA LYS B 23 8.25 12.47 -23.80
C LYS B 23 6.82 12.00 -24.03
N ILE B 24 5.84 12.70 -23.44
CA ILE B 24 4.45 12.30 -23.60
C ILE B 24 3.97 12.60 -25.01
N SER B 25 4.16 13.84 -25.47
CA SER B 25 3.69 14.24 -26.79
C SER B 25 4.36 13.46 -27.91
N THR B 26 5.55 12.91 -27.66
CA THR B 26 6.26 12.09 -28.64
C THR B 26 6.16 10.61 -28.29
N SER B 27 5.03 10.18 -27.72
CA SER B 27 4.82 8.79 -27.34
C SER B 27 3.60 8.25 -28.06
N PRO B 28 3.76 7.32 -29.00
CA PRO B 28 2.58 6.78 -29.72
C PRO B 28 1.73 5.83 -28.89
N VAL B 29 2.10 5.56 -27.64
CA VAL B 29 1.28 4.69 -26.79
C VAL B 29 -0.03 5.38 -26.44
N PHE B 30 0.02 6.70 -26.21
CA PHE B 30 -1.14 7.47 -25.81
C PHE B 30 -1.80 8.10 -27.04
N PRO B 31 -3.11 7.93 -27.23
CA PRO B 31 -3.79 8.61 -28.33
C PRO B 31 -3.72 10.12 -28.16
N GLN B 32 -4.03 10.82 -29.26
CA GLN B 32 -3.94 12.28 -29.27
C GLN B 32 -4.83 12.90 -28.21
N GLN B 33 -5.96 12.26 -27.88
CA GLN B 33 -6.80 12.75 -26.80
C GLN B 33 -6.07 12.67 -25.46
N GLU B 34 -5.21 11.67 -25.28
CA GLU B 34 -4.46 11.56 -24.04
C GLU B 34 -3.23 12.46 -24.05
N LYS B 35 -2.64 12.70 -25.23
CA LYS B 35 -1.42 13.49 -25.28
C LYS B 35 -1.68 14.96 -24.93
N GLU B 36 -2.83 15.50 -25.36
CA GLU B 36 -3.22 16.87 -25.03
C GLU B 36 -3.88 17.00 -23.67
N ASP B 37 -4.50 15.93 -23.17
CA ASP B 37 -5.04 15.98 -21.81
C ASP B 37 -3.93 15.82 -20.78
N MET B 38 -2.98 14.92 -21.03
CA MET B 38 -1.78 14.88 -20.20
C MET B 38 -0.99 16.17 -20.33
N GLU B 39 -1.13 16.87 -21.45
CA GLU B 39 -0.49 18.16 -21.63
C GLU B 39 -1.05 19.18 -20.64
N GLU B 40 -2.35 19.44 -20.72
CA GLU B 40 -2.94 20.51 -19.90
C GLU B 40 -2.97 20.14 -18.43
N ILE B 41 -3.00 18.85 -18.10
CA ILE B 41 -3.04 18.44 -16.70
C ILE B 41 -1.71 18.78 -16.02
N VAL B 42 -0.59 18.42 -16.65
CA VAL B 42 0.70 18.76 -16.08
C VAL B 42 1.06 20.22 -16.32
N GLU B 43 0.46 20.87 -17.32
CA GLU B 43 0.69 22.29 -17.52
C GLU B 43 -0.05 23.12 -16.48
N THR B 44 -1.25 22.68 -16.08
CA THR B 44 -1.95 23.36 -15.00
C THR B 44 -1.29 23.10 -13.66
N MET B 45 -0.53 22.00 -13.54
CA MET B 45 0.18 21.72 -12.30
C MET B 45 1.42 22.59 -12.16
N MET B 46 2.24 22.68 -13.21
CA MET B 46 3.46 23.48 -13.14
C MET B 46 3.16 24.96 -12.94
N SER B 47 2.03 25.44 -13.47
CA SER B 47 1.60 26.80 -13.16
C SER B 47 1.18 26.95 -11.71
N ALA B 48 0.80 25.86 -11.06
CA ALA B 48 0.47 25.87 -9.64
C ALA B 48 1.70 25.73 -8.76
N PHE B 49 2.72 25.02 -9.23
CA PHE B 49 3.92 24.78 -8.38
C PHE B 49 4.70 26.07 -8.34
N SER B 50 4.12 27.13 -8.89
CA SER B 50 4.79 28.46 -8.92
C SER B 50 4.06 29.37 -7.94
N SER B 51 2.75 29.19 -7.83
CA SER B 51 1.97 30.00 -6.86
C SER B 51 2.01 29.29 -5.51
N MET B 52 3.18 29.23 -4.87
CA MET B 52 3.30 28.50 -3.57
C MET B 52 3.19 29.49 -2.41
N SER B 53 3.93 29.26 -1.31
CA SER B 53 3.92 30.21 -0.16
C SER B 53 5.04 31.21 -0.41
N THR B 54 6.26 30.72 -0.59
CA THR B 54 7.39 31.60 -0.94
C THR B 54 7.80 31.19 -2.34
N SER B 55 6.81 30.94 -3.21
CA SER B 55 7.10 30.45 -4.59
C SER B 55 8.13 29.31 -4.52
N GLY B 56 9.29 29.49 -5.15
CA GLY B 56 10.36 28.47 -5.05
C GLY B 56 10.92 28.43 -3.65
N GLY B 57 10.18 27.85 -2.70
CA GLY B 57 10.64 27.85 -1.29
C GLY B 57 10.63 26.45 -0.71
N SER B 58 10.67 26.33 0.62
CA SER B 58 10.74 25.00 1.27
C SER B 58 9.36 24.33 1.24
N ASN B 59 8.36 24.93 1.90
CA ASN B 59 6.95 24.41 1.86
C ASN B 59 6.78 23.09 2.64
N ALA B 60 7.54 22.05 2.30
CA ALA B 60 7.42 20.72 2.96
C ALA B 60 6.00 20.18 2.77
N ALA B 61 5.20 20.13 3.84
CA ALA B 61 3.81 19.65 3.74
C ALA B 61 3.23 20.04 2.39
N LYS B 62 3.32 21.32 2.06
CA LYS B 62 2.75 21.85 0.79
C LYS B 62 3.40 21.16 -0.41
N LEU B 63 4.72 21.21 -0.52
CA LEU B 63 5.41 20.59 -1.67
C LEU B 63 5.07 19.10 -1.72
N GLN B 64 5.08 18.43 -0.58
CA GLN B 64 4.68 17.01 -0.55
C GLN B 64 3.28 16.88 -1.16
N ALA B 65 2.30 17.55 -0.57
CA ALA B 65 0.90 17.47 -1.07
C ALA B 65 0.85 17.82 -2.54
N MET B 66 1.62 18.81 -2.95
CA MET B 66 1.54 19.25 -4.35
C MET B 66 2.10 18.13 -5.24
N ASN B 67 3.02 17.32 -4.71
CA ASN B 67 3.55 16.22 -5.49
C ASN B 67 2.52 15.11 -5.65
N MET B 68 1.74 14.84 -4.59
CA MET B 68 0.71 13.82 -4.70
C MET B 68 -0.43 14.28 -5.60
N ALA B 69 -0.68 15.59 -5.68
CA ALA B 69 -1.64 16.10 -6.64
C ALA B 69 -1.15 15.88 -8.06
N PHE B 70 0.14 16.11 -8.31
CA PHE B 70 0.71 15.85 -9.62
C PHE B 70 0.70 14.36 -9.95
N ALA B 71 0.99 13.51 -8.96
CA ALA B 71 0.98 12.08 -9.20
C ALA B 71 -0.43 11.55 -9.41
N SER B 72 -1.37 11.96 -8.55
CA SER B 72 -2.74 11.50 -8.68
C SER B 72 -3.39 12.00 -9.97
N SER B 73 -3.01 13.19 -10.42
CA SER B 73 -3.53 13.70 -11.69
C SER B 73 -3.08 12.83 -12.86
N MET B 74 -1.82 12.41 -12.86
CA MET B 74 -1.36 11.54 -13.93
C MET B 74 -1.87 10.11 -13.76
N ALA B 75 -2.00 9.65 -12.50
CA ALA B 75 -2.47 8.30 -12.24
C ALA B 75 -3.92 8.13 -12.67
N GLU B 76 -4.80 9.04 -12.26
CA GLU B 76 -6.20 8.95 -12.63
C GLU B 76 -6.39 9.14 -14.14
N LEU B 77 -5.60 10.02 -14.74
CA LEU B 77 -5.75 10.29 -16.18
C LEU B 77 -5.48 9.04 -17.00
N VAL B 78 -4.50 8.23 -16.60
CA VAL B 78 -4.27 6.96 -17.28
C VAL B 78 -5.44 6.02 -17.05
N ILE B 79 -6.05 6.09 -15.86
CA ILE B 79 -7.17 5.21 -15.55
C ILE B 79 -8.45 5.70 -16.23
N ALA B 80 -8.75 6.99 -16.08
CA ALA B 80 -10.03 7.52 -16.56
C ALA B 80 -10.16 7.44 -18.08
N GLU B 81 -9.04 7.44 -18.80
CA GLU B 81 -9.05 7.41 -20.26
C GLU B 81 -8.94 6.01 -20.83
N ASP B 82 -8.91 4.97 -20.00
CA ASP B 82 -8.80 3.60 -20.49
C ASP B 82 -9.29 2.62 -19.44
N ALA B 83 -10.24 3.04 -18.61
CA ALA B 83 -10.74 2.19 -17.54
C ALA B 83 -11.44 0.94 -18.06
N ASP B 84 -11.91 0.96 -19.32
CA ASP B 84 -12.57 -0.21 -19.88
C ASP B 84 -11.60 -1.36 -20.11
N ASN B 85 -10.34 -1.06 -20.42
CA ASN B 85 -9.37 -2.10 -20.72
C ASN B 85 -8.27 -2.12 -19.67
N PRO B 86 -8.22 -3.13 -18.80
CA PRO B 86 -7.10 -3.24 -17.86
C PRO B 86 -5.77 -3.54 -18.53
N ASP B 87 -5.79 -3.98 -19.78
CA ASP B 87 -4.55 -4.29 -20.50
C ASP B 87 -3.87 -3.01 -20.97
N SER B 88 -4.63 -2.07 -21.54
CA SER B 88 -4.07 -0.80 -21.95
C SER B 88 -3.58 0.00 -20.75
N ILE B 89 -4.30 -0.09 -19.63
CA ILE B 89 -3.88 0.58 -18.41
C ILE B 89 -2.50 0.11 -17.99
N SER B 90 -2.22 -1.19 -18.18
CA SER B 90 -0.93 -1.74 -17.76
C SER B 90 0.19 -1.31 -18.70
N ILE B 91 -0.08 -1.24 -20.00
CA ILE B 91 0.97 -0.89 -20.94
C ILE B 91 1.23 0.61 -20.94
N LYS B 92 0.21 1.42 -20.62
CA LYS B 92 0.40 2.87 -20.54
C LYS B 92 1.01 3.30 -19.21
N THR B 93 0.86 2.48 -18.17
CA THR B 93 1.57 2.76 -16.92
C THR B 93 3.08 2.62 -17.10
N GLU B 94 3.52 1.58 -17.82
CA GLU B 94 4.95 1.42 -18.08
C GLU B 94 5.46 2.47 -19.05
N ALA B 95 4.66 2.84 -20.05
CA ALA B 95 5.06 3.88 -20.98
C ALA B 95 5.14 5.24 -20.29
N LEU B 96 4.29 5.48 -19.29
CA LEU B 96 4.36 6.72 -18.52
C LEU B 96 5.49 6.68 -17.51
N ALA B 97 5.67 5.57 -16.80
CA ALA B 97 6.71 5.48 -15.77
C ALA B 97 8.09 5.59 -16.38
N LYS B 98 8.31 4.97 -17.55
CA LYS B 98 9.61 5.07 -18.20
C LYS B 98 9.87 6.50 -18.68
N SER B 99 8.85 7.17 -19.19
CA SER B 99 8.99 8.59 -19.54
C SER B 99 9.35 9.42 -18.32
N LEU B 100 8.87 9.03 -17.15
CA LEU B 100 9.26 9.70 -15.91
C LEU B 100 10.73 9.43 -15.59
N GLN B 101 11.13 8.15 -15.57
CA GLN B 101 12.47 7.79 -15.16
C GLN B 101 13.52 8.44 -16.07
N GLN B 102 13.25 8.49 -17.37
CA GLN B 102 14.19 9.13 -18.28
C GLN B 102 14.31 10.63 -18.03
N CYS B 103 13.22 11.28 -17.58
CA CYS B 103 13.29 12.70 -17.27
C CYS B 103 13.91 12.95 -15.90
N PHE B 104 13.80 11.98 -14.98
CA PHE B 104 14.56 12.09 -13.74
C PHE B 104 16.07 12.02 -14.02
N LYS B 105 16.47 11.36 -15.09
CA LYS B 105 17.91 11.24 -15.37
C LYS B 105 18.42 12.45 -16.14
N SER B 106 17.62 12.98 -17.06
CA SER B 106 18.05 14.07 -17.93
C SER B 106 17.90 15.45 -17.27
N THR B 107 17.50 15.50 -15.99
CA THR B 107 17.37 16.75 -15.25
C THR B 107 18.06 16.65 -13.89
N LEU B 108 18.02 15.48 -13.26
CA LEU B 108 18.67 15.27 -11.98
C LEU B 108 19.87 14.33 -12.07
N GLY B 109 19.67 13.15 -12.65
CA GLY B 109 20.72 12.14 -12.76
C GLY B 109 20.48 10.90 -11.93
N SER B 110 19.39 10.85 -11.16
CA SER B 110 19.07 9.68 -10.35
C SER B 110 17.56 9.61 -10.21
N VAL B 111 16.98 8.45 -10.51
CA VAL B 111 15.55 8.26 -10.40
C VAL B 111 15.19 8.01 -8.94
N ASN B 112 14.17 8.72 -8.45
CA ASN B 112 13.64 8.49 -7.11
C ASN B 112 12.37 7.66 -7.25
N ARG B 113 12.46 6.37 -6.91
CA ARG B 113 11.34 5.47 -7.05
C ARG B 113 10.22 5.78 -6.05
N HIS B 114 10.48 6.62 -5.05
CA HIS B 114 9.43 6.99 -4.09
C HIS B 114 8.26 7.67 -4.79
N PHE B 115 8.55 8.49 -5.80
CA PHE B 115 7.47 9.13 -6.55
C PHE B 115 6.91 8.21 -7.62
N ILE B 116 7.72 7.29 -8.14
CA ILE B 116 7.24 6.39 -9.19
C ILE B 116 6.46 5.22 -8.60
N ALA B 117 6.86 4.72 -7.43
CA ALA B 117 6.11 3.66 -6.78
C ALA B 117 4.76 4.14 -6.27
N GLU B 118 4.67 5.39 -5.82
CA GLU B 118 3.38 5.93 -5.40
C GLU B 118 2.44 6.08 -6.59
N ILE B 119 2.97 6.36 -7.78
CA ILE B 119 2.13 6.43 -8.96
C ILE B 119 1.55 5.06 -9.28
N LYS B 120 2.38 4.03 -9.26
CA LYS B 120 1.90 2.67 -9.52
C LYS B 120 0.98 2.20 -8.41
N ASP B 121 1.15 2.72 -7.19
CA ASP B 121 0.19 2.43 -6.13
C ASP B 121 -1.08 3.27 -6.27
N LEU B 122 -0.94 4.49 -6.79
CA LEU B 122 -2.13 5.29 -7.10
C LEU B 122 -2.93 4.68 -8.24
N ILE B 123 -2.23 4.24 -9.30
CA ILE B 123 -2.91 3.60 -10.42
C ILE B 123 -3.54 2.28 -9.97
N GLY B 124 -2.84 1.52 -9.13
CA GLY B 124 -3.38 0.26 -8.65
C GLY B 124 -4.64 0.43 -7.83
N MET B 125 -4.67 1.44 -6.96
CA MET B 125 -5.85 1.69 -6.15
C MET B 125 -6.97 2.30 -6.99
N PHE B 126 -6.65 3.34 -7.77
CA PHE B 126 -7.68 4.00 -8.57
C PHE B 126 -8.33 3.05 -9.56
N ALA B 127 -7.63 1.99 -9.96
CA ALA B 127 -8.23 1.01 -10.87
C ALA B 127 -9.33 0.22 -10.20
N ARG B 128 -9.11 -0.19 -8.95
CA ARG B 128 -10.12 -0.98 -8.23
C ARG B 128 -11.29 -0.16 -7.76
N GLU B 129 -11.11 1.15 -7.55
CA GLU B 129 -12.24 2.00 -7.18
C GLU B 129 -13.29 2.08 -8.28
N ALA B 130 -12.89 1.85 -9.54
CA ALA B 130 -13.82 1.73 -10.64
C ALA B 130 -14.55 0.39 -10.63
N ALA B 131 -13.96 -0.63 -10.02
CA ALA B 131 -14.59 -1.94 -9.94
C ALA B 131 -15.62 -1.97 -8.82
N PRO C 6 -0.68 -26.81 -3.52
CA PRO C 6 0.54 -26.73 -2.71
C PRO C 6 0.96 -28.11 -2.18
N TRP C 7 1.78 -28.12 -1.12
CA TRP C 7 2.19 -29.36 -0.49
C TRP C 7 1.27 -29.66 0.68
N ALA C 8 0.69 -30.86 0.70
CA ALA C 8 -0.19 -31.26 1.77
C ALA C 8 0.30 -32.56 2.41
N ASN C 9 1.60 -32.63 2.69
CA ASN C 9 2.20 -33.82 3.26
C ASN C 9 3.49 -33.42 3.97
N PRO C 10 3.79 -33.98 5.14
CA PRO C 10 5.03 -33.61 5.82
C PRO C 10 6.28 -34.15 5.12
N ALA C 11 6.16 -35.23 4.36
CA ALA C 11 7.31 -35.75 3.63
C ALA C 11 7.64 -34.89 2.43
N LYS C 12 6.63 -34.23 1.83
CA LYS C 12 6.88 -33.33 0.71
C LYS C 12 7.57 -32.05 1.18
N ALA C 13 7.01 -31.40 2.20
CA ALA C 13 7.56 -30.12 2.66
C ALA C 13 8.97 -30.28 3.20
N ASN C 14 9.30 -31.45 3.76
CA ASN C 14 10.65 -31.67 4.27
C ASN C 14 11.66 -31.82 3.14
N ALA C 15 11.30 -32.58 2.10
CA ALA C 15 12.17 -32.69 0.94
C ALA C 15 12.16 -31.41 0.11
N PHE C 16 11.07 -30.63 0.20
CA PHE C 16 11.02 -29.35 -0.51
C PHE C 16 11.93 -28.32 0.16
N MET C 17 12.04 -28.37 1.48
CA MET C 17 12.93 -27.46 2.20
C MET C 17 14.39 -27.73 1.82
N LYS C 18 14.84 -28.96 2.05
CA LYS C 18 16.22 -29.34 1.76
C LYS C 18 16.61 -28.97 0.34
N CYS C 19 15.69 -29.11 -0.61
CA CYS C 19 15.96 -28.69 -1.98
C CYS C 19 16.08 -27.17 -2.07
N LEU C 20 15.05 -26.45 -1.58
CA LEU C 20 15.02 -25.00 -1.73
C LEU C 20 16.21 -24.35 -1.04
N ILE C 21 16.46 -24.73 0.21
CA ILE C 21 17.58 -24.15 0.95
C ILE C 21 18.94 -24.58 0.40
N GLN C 22 18.96 -25.60 -0.46
CA GLN C 22 20.18 -25.91 -1.19
C GLN C 22 20.35 -25.00 -2.40
N LYS C 23 19.25 -24.66 -3.06
CA LYS C 23 19.31 -23.71 -4.18
C LYS C 23 19.64 -22.31 -3.71
N ILE C 24 19.23 -21.95 -2.49
CA ILE C 24 19.48 -20.60 -1.98
C ILE C 24 20.95 -20.44 -1.60
N SER C 25 21.49 -21.39 -0.84
CA SER C 25 22.89 -21.33 -0.44
C SER C 25 23.85 -21.44 -1.62
N THR C 26 23.40 -21.99 -2.75
CA THR C 26 24.22 -22.07 -3.95
C THR C 26 23.93 -20.95 -4.94
N SER C 27 22.92 -20.14 -4.69
CA SER C 27 22.59 -19.03 -5.59
C SER C 27 23.58 -17.89 -5.38
N PRO C 28 24.29 -17.44 -6.42
CA PRO C 28 25.25 -16.35 -6.25
C PRO C 28 24.62 -14.97 -6.16
N VAL C 29 23.32 -14.84 -6.44
CA VAL C 29 22.69 -13.52 -6.45
C VAL C 29 22.51 -13.00 -5.03
N PHE C 30 22.27 -13.89 -4.07
CA PHE C 30 22.05 -13.47 -2.69
C PHE C 30 23.40 -13.29 -1.98
N PRO C 31 23.59 -12.19 -1.24
CA PRO C 31 24.78 -12.06 -0.40
C PRO C 31 24.81 -13.12 0.68
N GLN C 32 25.96 -13.21 1.36
CA GLN C 32 26.17 -14.29 2.32
C GLN C 32 25.21 -14.17 3.51
N GLN C 33 25.00 -12.96 4.01
CA GLN C 33 24.08 -12.78 5.13
C GLN C 33 22.62 -12.93 4.70
N GLU C 34 22.30 -12.51 3.48
CA GLU C 34 20.92 -12.64 3.00
C GLU C 34 20.54 -14.11 2.85
N LYS C 35 21.53 -14.98 2.59
CA LYS C 35 21.26 -16.42 2.59
C LYS C 35 20.94 -16.92 4.00
N GLU C 36 21.81 -16.61 4.97
CA GLU C 36 21.65 -17.11 6.33
C GLU C 36 20.32 -16.69 6.94
N ASP C 37 19.84 -15.49 6.62
CA ASP C 37 18.52 -15.10 7.10
C ASP C 37 17.43 -15.91 6.43
N MET C 38 17.51 -16.05 5.10
CA MET C 38 16.58 -16.91 4.40
C MET C 38 16.81 -18.38 4.76
N GLU C 39 18.02 -18.73 5.15
CA GLU C 39 18.29 -20.06 5.69
C GLU C 39 17.53 -20.27 6.99
N GLU C 40 17.60 -19.29 7.89
CA GLU C 40 16.94 -19.42 9.18
C GLU C 40 15.43 -19.26 9.07
N ILE C 41 14.95 -18.59 8.01
CA ILE C 41 13.52 -18.44 7.81
C ILE C 41 12.90 -19.75 7.32
N VAL C 42 13.47 -20.31 6.25
CA VAL C 42 12.93 -21.57 5.68
C VAL C 42 13.04 -22.65 6.76
N GLU C 43 14.13 -22.67 7.50
CA GLU C 43 14.30 -23.67 8.58
C GLU C 43 13.16 -23.50 9.58
N THR C 44 13.01 -22.31 10.15
CA THR C 44 11.98 -22.07 11.18
C THR C 44 10.60 -22.25 10.58
N MET C 45 10.38 -21.66 9.41
CA MET C 45 9.00 -21.69 8.84
C MET C 45 8.71 -23.07 8.26
N MET C 46 9.59 -24.03 8.52
CA MET C 46 9.29 -25.41 8.04
C MET C 46 8.98 -26.28 9.27
N SER C 47 9.85 -26.25 10.27
CA SER C 47 9.52 -26.98 11.51
C SER C 47 8.04 -26.72 11.79
N ALA C 48 7.62 -25.47 11.63
CA ALA C 48 6.21 -25.09 11.85
C ALA C 48 5.30 -26.04 11.07
N PHE C 49 5.29 -25.95 9.74
CA PHE C 49 4.37 -26.79 8.93
C PHE C 49 4.30 -28.17 9.54
N SER C 50 5.44 -28.84 9.67
CA SER C 50 5.48 -30.22 10.22
C SER C 50 4.76 -30.24 11.57
N SER C 51 5.18 -29.38 12.51
CA SER C 51 4.58 -29.40 13.87
C SER C 51 3.15 -28.86 13.85
N MET C 52 2.70 -28.28 12.73
CA MET C 52 1.29 -27.83 12.63
C MET C 52 0.50 -28.92 11.90
N SER C 53 1.21 -29.76 11.15
CA SER C 53 0.52 -30.90 10.49
C SER C 53 0.05 -31.85 11.59
N THR C 54 0.72 -31.81 12.75
CA THR C 54 0.33 -32.66 13.88
C THR C 54 -1.16 -32.56 14.08
N SER C 55 -1.74 -31.38 13.83
CA SER C 55 -3.18 -31.18 14.11
C SER C 55 -4.06 -31.78 12.99
N GLY C 56 -4.52 -33.04 13.15
CA GLY C 56 -5.48 -33.59 12.18
C GLY C 56 -4.88 -33.60 10.80
N GLY C 57 -3.62 -34.02 10.67
CA GLY C 57 -2.97 -33.93 9.36
C GLY C 57 -3.19 -32.54 8.81
N SER C 58 -3.11 -31.53 9.68
CA SER C 58 -3.25 -30.11 9.27
C SER C 58 -4.72 -29.77 8.98
N ASN C 59 -5.59 -30.76 8.80
CA ASN C 59 -7.05 -30.51 8.64
C ASN C 59 -7.41 -29.50 7.53
N ALA C 60 -6.50 -29.18 6.61
CA ALA C 60 -6.79 -28.30 5.43
C ALA C 60 -7.05 -26.85 5.82
N ALA C 61 -6.95 -25.93 4.85
CA ALA C 61 -7.16 -24.47 5.10
C ALA C 61 -6.14 -23.93 6.09
N LYS C 62 -5.95 -24.58 7.24
CA LYS C 62 -4.89 -24.17 8.20
C LYS C 62 -3.54 -24.26 7.49
N LEU C 63 -3.47 -25.00 6.40
CA LEU C 63 -2.22 -25.13 5.62
C LEU C 63 -2.07 -23.88 4.74
N GLN C 64 -3.15 -23.44 4.10
CA GLN C 64 -3.07 -22.21 3.29
C GLN C 64 -2.70 -21.02 4.20
N ALA C 65 -3.07 -21.07 5.48
CA ALA C 65 -2.61 -19.96 6.32
C ALA C 65 -1.11 -20.03 6.55
N MET C 66 -0.54 -21.24 6.64
CA MET C 66 0.90 -21.39 6.76
C MET C 66 1.61 -21.30 5.42
N ASN C 67 0.92 -21.59 4.31
CA ASN C 67 1.53 -21.40 3.00
C ASN C 67 1.81 -19.94 2.73
N MET C 68 0.79 -19.09 2.86
CA MET C 68 0.99 -17.65 2.67
C MET C 68 1.93 -17.07 3.72
N ALA C 69 1.95 -17.66 4.91
CA ALA C 69 2.94 -17.26 5.91
C ALA C 69 4.36 -17.54 5.42
N PHE C 70 4.55 -18.68 4.76
CA PHE C 70 5.84 -18.96 4.14
C PHE C 70 6.08 -18.04 2.95
N ALA C 71 5.03 -17.77 2.16
CA ALA C 71 5.18 -16.90 1.00
C ALA C 71 5.49 -15.47 1.40
N SER C 72 5.00 -15.03 2.57
CA SER C 72 5.26 -13.66 3.00
C SER C 72 6.60 -13.53 3.72
N SER C 73 7.08 -14.61 4.35
CA SER C 73 8.35 -14.55 5.04
C SER C 73 9.51 -14.37 4.06
N MET C 74 9.50 -15.12 2.96
CA MET C 74 10.53 -14.97 1.94
C MET C 74 10.34 -13.70 1.13
N ALA C 75 9.13 -13.16 1.06
CA ALA C 75 8.90 -11.94 0.30
C ALA C 75 9.51 -10.73 1.00
N GLU C 76 9.12 -10.50 2.25
CA GLU C 76 9.59 -9.32 2.98
C GLU C 76 11.08 -9.40 3.28
N LEU C 77 11.63 -10.62 3.40
CA LEU C 77 13.05 -10.74 3.67
C LEU C 77 13.89 -10.30 2.47
N VAL C 78 13.43 -10.62 1.26
CA VAL C 78 14.05 -10.06 0.06
C VAL C 78 13.91 -8.55 0.05
N ILE C 79 12.81 -8.03 0.59
CA ILE C 79 12.59 -6.58 0.64
C ILE C 79 13.45 -5.95 1.72
N ALA C 80 13.32 -6.43 2.96
CA ALA C 80 13.95 -5.76 4.09
C ALA C 80 15.48 -5.80 4.00
N GLU C 81 16.03 -6.91 3.50
CA GLU C 81 17.48 -7.02 3.38
C GLU C 81 18.06 -6.02 2.39
N ASP C 82 17.24 -5.55 1.45
CA ASP C 82 17.73 -4.61 0.44
C ASP C 82 17.05 -3.26 0.59
N ALA C 83 17.31 -2.57 1.71
CA ALA C 83 16.80 -1.22 1.89
C ALA C 83 17.49 -0.25 0.93
N ASP C 84 18.80 -0.36 0.81
CA ASP C 84 19.55 0.43 -0.17
C ASP C 84 19.38 -0.18 -1.56
N ASN C 85 19.57 0.68 -2.58
CA ASN C 85 19.40 0.38 -4.00
C ASN C 85 18.24 -0.59 -4.23
N PRO C 86 17.00 -0.13 -4.07
CA PRO C 86 15.85 -1.06 -4.17
C PRO C 86 15.53 -1.50 -5.60
N ASP C 87 16.56 -1.61 -6.44
CA ASP C 87 16.41 -2.11 -7.79
C ASP C 87 16.91 -3.54 -7.96
N SER C 88 17.85 -3.98 -7.12
CA SER C 88 18.27 -5.38 -7.12
C SER C 88 17.19 -6.31 -6.61
N ILE C 89 16.08 -5.77 -6.09
CA ILE C 89 14.98 -6.61 -5.64
C ILE C 89 14.39 -7.38 -6.81
N SER C 90 14.44 -6.81 -8.01
CA SER C 90 13.94 -7.51 -9.20
C SER C 90 14.81 -8.72 -9.52
N ILE C 91 16.13 -8.58 -9.40
CA ILE C 91 17.02 -9.69 -9.72
C ILE C 91 16.96 -10.76 -8.64
N LYS C 92 16.63 -10.37 -7.40
CA LYS C 92 16.53 -11.34 -6.32
C LYS C 92 15.17 -12.03 -6.27
N THR C 93 14.14 -11.43 -6.87
CA THR C 93 12.85 -12.10 -6.96
C THR C 93 12.86 -13.18 -8.03
N GLU C 94 13.42 -12.87 -9.21
CA GLU C 94 13.51 -13.87 -10.27
C GLU C 94 14.35 -15.06 -9.82
N ALA C 95 15.44 -14.81 -9.09
CA ALA C 95 16.27 -15.89 -8.59
C ALA C 95 15.51 -16.72 -7.55
N LEU C 96 14.76 -16.06 -6.66
CA LEU C 96 13.96 -16.80 -5.70
C LEU C 96 12.80 -17.52 -6.39
N ALA C 97 12.25 -16.93 -7.43
CA ALA C 97 11.16 -17.58 -8.16
C ALA C 97 11.65 -18.82 -8.89
N LYS C 98 12.82 -18.75 -9.50
CA LYS C 98 13.34 -19.89 -10.26
C LYS C 98 13.71 -21.03 -9.32
N SER C 99 14.40 -20.73 -8.22
CA SER C 99 14.76 -21.78 -7.27
C SER C 99 13.54 -22.40 -6.62
N LEU C 100 12.45 -21.64 -6.53
CA LEU C 100 11.18 -22.22 -6.06
C LEU C 100 10.57 -23.12 -7.12
N GLN C 101 10.57 -22.66 -8.38
CA GLN C 101 9.99 -23.48 -9.45
C GLN C 101 10.78 -24.77 -9.66
N GLN C 102 12.11 -24.71 -9.49
CA GLN C 102 12.91 -25.92 -9.65
C GLN C 102 12.61 -26.94 -8.57
N CYS C 103 12.48 -26.50 -7.32
CA CYS C 103 12.22 -27.42 -6.22
C CYS C 103 10.74 -27.78 -6.09
N PHE C 104 9.85 -26.99 -6.68
CA PHE C 104 8.46 -27.43 -6.80
C PHE C 104 8.35 -28.60 -7.78
N LYS C 105 9.20 -28.61 -8.80
CA LYS C 105 9.18 -29.70 -9.78
C LYS C 105 9.90 -30.94 -9.24
N SER C 106 10.99 -30.75 -8.50
CA SER C 106 11.75 -31.89 -8.01
C SER C 106 11.00 -32.68 -6.95
N THR C 107 10.12 -32.03 -6.20
CA THR C 107 9.34 -32.69 -5.15
C THR C 107 7.93 -33.08 -5.59
N LEU C 108 7.30 -32.31 -6.47
CA LEU C 108 6.02 -32.67 -7.04
C LEU C 108 5.85 -32.08 -8.43
N GLY C 109 5.03 -31.03 -8.54
CA GLY C 109 4.85 -30.34 -9.79
C GLY C 109 4.99 -28.85 -9.59
N SER C 110 5.19 -28.11 -10.69
CA SER C 110 5.26 -26.64 -10.57
C SER C 110 3.92 -26.13 -10.04
N VAL C 111 3.90 -25.39 -8.93
CA VAL C 111 2.60 -24.95 -8.35
C VAL C 111 1.87 -24.16 -9.44
N ASN C 112 2.60 -23.75 -10.47
CA ASN C 112 2.02 -22.96 -11.59
C ASN C 112 1.64 -21.60 -11.01
N ARG C 113 2.62 -20.70 -10.95
CA ARG C 113 2.30 -19.34 -10.49
C ARG C 113 1.15 -19.36 -9.48
N HIS C 114 1.28 -20.13 -8.42
CA HIS C 114 0.28 -20.05 -7.31
C HIS C 114 1.05 -19.36 -6.20
N PHE C 115 1.80 -20.13 -5.44
CA PHE C 115 2.66 -19.52 -4.40
C PHE C 115 3.57 -18.54 -5.08
N ILE C 116 3.99 -18.86 -6.29
CA ILE C 116 4.97 -17.98 -6.99
C ILE C 116 4.31 -16.62 -7.26
N ALA C 117 3.09 -16.59 -7.82
CA ALA C 117 2.49 -15.31 -8.15
C ALA C 117 2.19 -14.49 -6.90
N GLU C 118 1.80 -15.16 -5.81
CA GLU C 118 1.57 -14.44 -4.57
C GLU C 118 2.87 -13.86 -4.02
N ILE C 119 3.98 -14.59 -4.17
CA ILE C 119 5.27 -14.05 -3.78
C ILE C 119 5.65 -12.86 -4.66
N LYS C 120 5.45 -13.00 -5.98
CA LYS C 120 5.73 -11.87 -6.88
C LYS C 120 4.83 -10.69 -6.56
N ASP C 121 3.56 -10.95 -6.24
CA ASP C 121 2.64 -9.86 -5.93
C ASP C 121 2.94 -9.25 -4.57
N LEU C 122 3.25 -10.09 -3.57
CA LEU C 122 3.59 -9.57 -2.25
C LEU C 122 4.90 -8.79 -2.29
N ILE C 123 5.92 -9.32 -2.98
CA ILE C 123 7.14 -8.55 -3.21
C ILE C 123 6.80 -7.27 -3.96
N GLY C 124 5.87 -7.35 -4.91
CA GLY C 124 5.46 -6.15 -5.62
C GLY C 124 4.72 -5.16 -4.73
N MET C 125 3.93 -5.66 -3.78
CA MET C 125 3.18 -4.77 -2.91
C MET C 125 4.08 -4.16 -1.83
N PHE C 126 4.89 -4.99 -1.18
CA PHE C 126 5.73 -4.50 -0.09
C PHE C 126 6.76 -3.50 -0.59
N ALA C 127 7.40 -3.78 -1.72
CA ALA C 127 8.37 -2.84 -2.27
C ALA C 127 7.71 -1.56 -2.73
N ARG C 128 6.56 -1.66 -3.39
CA ARG C 128 5.85 -0.46 -3.84
C ARG C 128 5.36 0.37 -2.66
N GLU C 129 5.00 -0.28 -1.56
CA GLU C 129 4.63 0.43 -0.33
C GLU C 129 5.84 0.59 0.58
N ALA C 130 6.95 1.03 0.00
CA ALA C 130 8.19 1.26 0.74
C ALA C 130 9.05 2.30 0.06
N PRO D 6 6.42 -2.22 15.66
CA PRO D 6 5.76 -3.38 16.27
C PRO D 6 6.43 -3.78 17.58
N TRP D 7 6.85 -5.05 17.67
CA TRP D 7 7.56 -5.56 18.83
C TRP D 7 9.03 -5.81 18.47
N ALA D 8 9.90 -5.69 19.47
CA ALA D 8 11.33 -5.87 19.28
C ALA D 8 11.92 -6.99 20.12
N ASN D 9 11.12 -7.61 21.00
CA ASN D 9 11.60 -8.71 21.83
C ASN D 9 10.73 -9.94 21.64
N PRO D 10 11.28 -11.14 21.83
CA PRO D 10 10.44 -12.34 21.80
C PRO D 10 9.39 -12.34 22.90
N ALA D 11 9.72 -11.80 24.08
CA ALA D 11 8.72 -11.66 25.13
C ALA D 11 7.69 -10.59 24.82
N LYS D 12 8.00 -9.67 23.89
CA LYS D 12 7.05 -8.67 23.46
C LYS D 12 6.00 -9.22 22.49
N ALA D 13 6.10 -10.49 22.13
CA ALA D 13 5.06 -11.16 21.36
C ALA D 13 4.47 -12.37 22.06
N ASN D 14 5.16 -12.93 23.08
CA ASN D 14 4.62 -14.05 23.85
C ASN D 14 3.33 -13.65 24.55
N ALA D 15 3.41 -12.68 25.46
CA ALA D 15 2.22 -12.20 26.13
C ALA D 15 1.22 -11.54 25.18
N PHE D 16 1.68 -11.13 23.99
CA PHE D 16 0.77 -10.59 23.00
C PHE D 16 -0.08 -11.69 22.36
N MET D 17 0.51 -12.86 22.15
CA MET D 17 -0.24 -13.99 21.60
C MET D 17 -1.26 -14.51 22.61
N LYS D 18 -0.82 -14.71 23.86
CA LYS D 18 -1.72 -15.20 24.90
C LYS D 18 -2.95 -14.33 25.03
N CYS D 19 -2.77 -13.00 24.96
CA CYS D 19 -3.91 -12.10 24.93
C CYS D 19 -4.77 -12.34 23.70
N LEU D 20 -4.13 -12.46 22.53
CA LEU D 20 -4.87 -12.63 21.28
C LEU D 20 -5.65 -13.94 21.26
N ILE D 21 -5.08 -15.00 21.85
CA ILE D 21 -5.78 -16.27 21.90
C ILE D 21 -6.98 -16.19 22.83
N GLN D 22 -6.81 -15.56 23.99
CA GLN D 22 -7.93 -15.34 24.89
C GLN D 22 -8.99 -14.45 24.25
N LYS D 23 -8.58 -13.56 23.34
CA LYS D 23 -9.52 -12.67 22.67
C LYS D 23 -10.25 -13.38 21.53
N ILE D 24 -9.53 -14.14 20.71
CA ILE D 24 -10.17 -14.86 19.61
C ILE D 24 -11.06 -15.98 20.15
N SER D 25 -10.65 -16.62 21.26
CA SER D 25 -11.45 -17.71 21.80
C SER D 25 -12.75 -17.20 22.42
N THR D 26 -12.71 -16.03 23.06
CA THR D 26 -13.91 -15.48 23.68
C THR D 26 -14.84 -14.80 22.69
N SER D 27 -14.39 -14.55 21.46
CA SER D 27 -15.21 -13.86 20.47
C SER D 27 -16.22 -14.84 19.87
N PRO D 28 -17.53 -14.63 20.08
CA PRO D 28 -18.51 -15.54 19.46
C PRO D 28 -18.64 -15.37 17.97
N VAL D 29 -17.99 -14.37 17.37
CA VAL D 29 -18.08 -14.16 15.94
C VAL D 29 -17.47 -15.34 15.17
N PHE D 30 -16.20 -15.62 15.43
CA PHE D 30 -15.52 -16.71 14.75
C PHE D 30 -16.13 -18.04 15.18
N PRO D 31 -16.47 -18.92 14.25
CA PRO D 31 -17.02 -20.24 14.62
C PRO D 31 -15.98 -21.06 15.37
N GLN D 32 -16.42 -22.21 15.87
CA GLN D 32 -15.55 -23.08 16.66
C GLN D 32 -14.36 -23.54 15.84
N GLN D 33 -14.61 -24.00 14.60
CA GLN D 33 -13.53 -24.54 13.79
C GLN D 33 -12.48 -23.48 13.46
N GLU D 34 -12.91 -22.23 13.32
CA GLU D 34 -11.94 -21.16 13.08
C GLU D 34 -11.20 -20.77 14.36
N LYS D 35 -11.82 -20.96 15.53
CA LYS D 35 -11.12 -20.67 16.78
C LYS D 35 -10.06 -21.73 17.08
N GLU D 36 -10.28 -22.97 16.64
CA GLU D 36 -9.25 -23.99 16.82
C GLU D 36 -8.10 -23.80 15.84
N ASP D 37 -8.42 -23.44 14.59
CA ASP D 37 -7.37 -23.29 13.58
C ASP D 37 -6.52 -22.05 13.84
N MET D 38 -7.16 -20.92 14.14
CA MET D 38 -6.42 -19.71 14.47
C MET D 38 -5.68 -19.84 15.79
N GLU D 39 -6.11 -20.75 16.67
CA GLU D 39 -5.34 -21.06 17.86
C GLU D 39 -4.04 -21.77 17.49
N GLU D 40 -4.15 -22.78 16.64
CA GLU D 40 -2.95 -23.48 16.16
C GLU D 40 -2.01 -22.54 15.42
N ILE D 41 -2.57 -21.66 14.58
CA ILE D 41 -1.76 -20.82 13.70
C ILE D 41 -0.82 -19.95 14.52
N VAL D 42 -1.37 -19.15 15.43
CA VAL D 42 -0.53 -18.24 16.21
C VAL D 42 0.27 -19.01 17.25
N GLU D 43 -0.21 -20.17 17.69
CA GLU D 43 0.62 -21.02 18.55
C GLU D 43 1.75 -21.65 17.75
N THR D 44 1.48 -22.03 16.49
CA THR D 44 2.55 -22.41 15.58
C THR D 44 3.46 -21.24 15.29
N MET D 45 2.92 -20.02 15.27
CA MET D 45 3.73 -18.85 14.95
C MET D 45 4.69 -18.51 16.07
N MET D 46 4.25 -18.66 17.32
CA MET D 46 5.09 -18.32 18.47
C MET D 46 6.21 -19.33 18.69
N SER D 47 6.02 -20.57 18.25
CA SER D 47 7.11 -21.54 18.29
C SER D 47 8.29 -21.06 17.44
N ALA D 48 8.00 -20.28 16.40
CA ALA D 48 9.03 -19.76 15.50
C ALA D 48 9.58 -18.42 15.97
N PHE D 49 8.73 -17.56 16.52
CA PHE D 49 9.22 -16.29 17.06
C PHE D 49 10.16 -16.50 18.23
N SER D 50 9.90 -17.52 19.05
CA SER D 50 10.77 -17.82 20.17
C SER D 50 12.03 -18.58 19.76
N SER D 51 12.20 -18.86 18.47
CA SER D 51 13.31 -19.71 18.05
C SER D 51 14.64 -18.95 18.07
N MET D 52 14.71 -17.85 17.30
CA MET D 52 15.99 -17.15 17.12
C MET D 52 15.87 -15.64 17.21
N SER D 53 16.43 -14.95 16.21
CA SER D 53 16.82 -13.54 16.32
C SER D 53 17.68 -13.34 17.56
N THR D 54 18.76 -14.13 17.64
CA THR D 54 19.57 -14.28 18.85
C THR D 54 20.56 -13.13 19.04
N SER D 55 20.64 -12.64 20.28
CA SER D 55 21.52 -11.49 20.58
C SER D 55 21.43 -10.51 19.41
N GLY D 56 22.58 -10.14 18.83
CA GLY D 56 22.59 -9.23 17.67
C GLY D 56 23.32 -9.88 16.51
N GLY D 57 24.60 -9.59 16.33
CA GLY D 57 25.39 -10.12 15.21
C GLY D 57 25.05 -11.57 14.89
N SER D 58 24.97 -12.44 15.91
CA SER D 58 24.70 -13.88 15.69
C SER D 58 23.51 -14.04 14.74
N ASN D 59 22.64 -13.03 14.65
CA ASN D 59 21.46 -13.08 13.73
C ASN D 59 21.24 -11.72 13.09
N ALA D 60 20.04 -11.48 12.56
CA ALA D 60 19.70 -10.18 11.97
C ALA D 60 18.32 -9.77 12.46
N ALA D 61 17.89 -8.57 12.07
CA ALA D 61 16.57 -8.06 12.43
C ALA D 61 15.53 -8.41 11.39
N LYS D 62 15.43 -9.70 11.06
CA LYS D 62 14.45 -10.21 10.10
C LYS D 62 13.06 -10.35 10.72
N LEU D 63 12.81 -9.74 11.87
CA LEU D 63 11.48 -9.78 12.47
C LEU D 63 10.44 -9.13 11.56
N GLN D 64 10.85 -8.22 10.68
CA GLN D 64 9.93 -7.66 9.70
C GLN D 64 9.33 -8.76 8.82
N ALA D 65 10.18 -9.71 8.39
CA ALA D 65 9.66 -10.83 7.61
C ALA D 65 8.85 -11.80 8.47
N MET D 66 9.12 -11.83 9.77
CA MET D 66 8.36 -12.69 10.66
C MET D 66 7.01 -12.07 11.03
N ASN D 67 6.94 -10.74 11.12
CA ASN D 67 5.66 -10.08 11.33
C ASN D 67 4.74 -10.27 10.13
N MET D 68 5.32 -10.28 8.92
CA MET D 68 4.52 -10.46 7.72
C MET D 68 3.98 -11.88 7.62
N ALA D 69 4.79 -12.87 8.01
CA ALA D 69 4.29 -14.24 8.07
C ALA D 69 3.15 -14.37 9.07
N PHE D 70 3.25 -13.67 10.20
CA PHE D 70 2.17 -13.69 11.18
C PHE D 70 0.98 -12.87 10.70
N ALA D 71 1.24 -11.73 10.06
CA ALA D 71 0.14 -10.91 9.56
C ALA D 71 -0.58 -11.60 8.40
N SER D 72 0.13 -12.39 7.61
CA SER D 72 -0.51 -13.07 6.48
C SER D 72 -1.18 -14.37 6.90
N SER D 73 -0.69 -15.02 7.96
CA SER D 73 -1.30 -16.27 8.41
C SER D 73 -2.73 -16.06 8.89
N MET D 74 -2.94 -15.02 9.69
CA MET D 74 -4.29 -14.72 10.15
C MET D 74 -5.12 -14.10 9.04
N ALA D 75 -4.51 -13.25 8.21
CA ALA D 75 -5.24 -12.62 7.11
C ALA D 75 -5.75 -13.67 6.13
N GLU D 76 -4.93 -14.66 5.80
CA GLU D 76 -5.38 -15.72 4.91
C GLU D 76 -6.38 -16.64 5.59
N LEU D 77 -6.24 -16.84 6.90
CA LEU D 77 -7.15 -17.74 7.61
C LEU D 77 -8.55 -17.15 7.73
N VAL D 78 -8.67 -15.82 7.78
CA VAL D 78 -9.99 -15.19 7.78
C VAL D 78 -10.70 -15.46 6.46
N ILE D 79 -9.95 -15.57 5.37
CA ILE D 79 -10.54 -15.82 4.06
C ILE D 79 -10.62 -17.30 3.74
N ALA D 80 -9.58 -18.06 4.06
CA ALA D 80 -9.56 -19.48 3.71
C ALA D 80 -10.69 -20.26 4.37
N GLU D 81 -11.12 -19.82 5.56
CA GLU D 81 -12.18 -20.53 6.26
C GLU D 81 -13.51 -20.39 5.55
N ASP D 82 -13.95 -19.14 5.34
CA ASP D 82 -15.26 -18.86 4.75
C ASP D 82 -15.11 -17.72 3.74
N ALA D 83 -14.47 -18.02 2.60
CA ALA D 83 -14.43 -17.08 1.49
C ALA D 83 -15.74 -17.05 0.72
N ASP D 84 -16.69 -17.93 1.05
CA ASP D 84 -17.97 -17.96 0.35
C ASP D 84 -18.77 -16.69 0.63
N ASN D 85 -18.82 -16.27 1.89
CA ASN D 85 -19.65 -15.15 2.28
C ASN D 85 -18.78 -13.92 2.53
N PRO D 86 -18.79 -12.93 1.63
CA PRO D 86 -18.03 -11.70 1.90
C PRO D 86 -18.55 -10.92 3.08
N ASP D 87 -19.84 -11.06 3.40
CA ASP D 87 -20.38 -10.39 4.60
C ASP D 87 -19.72 -10.93 5.86
N SER D 88 -19.47 -12.25 5.90
CA SER D 88 -18.73 -12.81 7.03
C SER D 88 -17.26 -12.42 6.96
N ILE D 89 -16.71 -12.23 5.76
CA ILE D 89 -15.34 -11.78 5.63
C ILE D 89 -15.17 -10.41 6.26
N SER D 90 -16.17 -9.53 6.10
CA SER D 90 -16.06 -8.18 6.63
C SER D 90 -16.24 -8.14 8.14
N ILE D 91 -17.23 -8.87 8.65
CA ILE D 91 -17.50 -8.81 10.08
C ILE D 91 -16.42 -9.53 10.88
N LYS D 92 -15.84 -10.59 10.30
CA LYS D 92 -14.73 -11.28 10.95
C LYS D 92 -13.42 -10.51 10.82
N THR D 93 -13.35 -9.52 9.92
CA THR D 93 -12.18 -8.66 9.83
C THR D 93 -12.19 -7.60 10.92
N GLU D 94 -13.34 -6.95 11.12
CA GLU D 94 -13.43 -5.93 12.16
C GLU D 94 -13.31 -6.55 13.55
N ALA D 95 -13.89 -7.73 13.75
CA ALA D 95 -13.74 -8.42 15.02
C ALA D 95 -12.29 -8.82 15.27
N LEU D 96 -11.55 -9.15 14.21
CA LEU D 96 -10.14 -9.49 14.37
C LEU D 96 -9.31 -8.25 14.70
N ALA D 97 -9.61 -7.13 14.04
CA ALA D 97 -8.85 -5.90 14.28
C ALA D 97 -9.06 -5.39 15.70
N LYS D 98 -10.31 -5.41 16.18
CA LYS D 98 -10.59 -4.95 17.54
C LYS D 98 -9.87 -5.81 18.57
N SER D 99 -9.82 -7.11 18.34
CA SER D 99 -9.11 -8.00 19.25
C SER D 99 -7.61 -7.67 19.28
N LEU D 100 -7.05 -7.35 18.12
CA LEU D 100 -5.63 -6.97 18.06
C LEU D 100 -5.40 -5.65 18.79
N GLN D 101 -6.27 -4.66 18.57
CA GLN D 101 -6.10 -3.37 19.23
C GLN D 101 -6.16 -3.52 20.74
N GLN D 102 -7.10 -4.33 21.24
CA GLN D 102 -7.22 -4.52 22.69
C GLN D 102 -5.98 -5.21 23.25
N CYS D 103 -5.31 -6.04 22.46
CA CYS D 103 -4.10 -6.71 22.93
C CYS D 103 -2.87 -5.83 22.76
N PHE D 104 -2.80 -5.06 21.66
CA PHE D 104 -1.77 -4.05 21.56
C PHE D 104 -1.85 -3.05 22.71
N LYS D 105 -3.08 -2.72 23.13
CA LYS D 105 -3.26 -1.87 24.31
C LYS D 105 -2.83 -2.60 25.57
N SER D 106 -3.15 -3.90 25.68
CA SER D 106 -2.87 -4.66 26.88
C SER D 106 -1.43 -5.16 26.95
N THR D 107 -0.59 -4.83 25.98
CA THR D 107 0.80 -5.29 25.98
C THR D 107 1.78 -4.13 25.94
N LEU D 108 1.76 -3.29 24.90
CA LEU D 108 2.68 -2.17 24.80
C LEU D 108 2.05 -0.83 25.19
N GLY D 109 0.72 -0.74 25.23
CA GLY D 109 0.05 0.47 25.62
C GLY D 109 -0.44 1.34 24.48
N SER D 110 -0.02 1.04 23.25
CA SER D 110 -0.46 1.79 22.08
C SER D 110 -0.98 0.81 21.03
N VAL D 111 -1.42 1.35 19.90
CA VAL D 111 -1.92 0.55 18.79
C VAL D 111 -0.99 0.77 17.60
N ASN D 112 -0.25 -0.28 17.23
CA ASN D 112 0.61 -0.25 16.04
C ASN D 112 -0.29 -0.30 14.80
N ARG D 113 -0.85 0.86 14.45
CA ARG D 113 -1.83 0.92 13.37
C ARG D 113 -1.27 0.41 12.05
N HIS D 114 0.06 0.41 11.89
CA HIS D 114 0.66 -0.16 10.68
C HIS D 114 0.39 -1.65 10.59
N PHE D 115 0.50 -2.37 11.71
CA PHE D 115 0.27 -3.80 11.69
C PHE D 115 -1.19 -4.13 11.46
N ILE D 116 -2.10 -3.30 11.99
CA ILE D 116 -3.52 -3.54 11.80
C ILE D 116 -3.93 -3.26 10.35
N ALA D 117 -3.47 -2.12 9.81
CA ALA D 117 -3.76 -1.78 8.42
C ALA D 117 -3.06 -2.72 7.45
N GLU D 118 -1.96 -3.35 7.85
CA GLU D 118 -1.34 -4.36 6.99
C GLU D 118 -2.29 -5.52 6.75
N ILE D 119 -2.93 -6.01 7.81
CA ILE D 119 -3.85 -7.13 7.67
C ILE D 119 -5.05 -6.73 6.83
N LYS D 120 -5.52 -5.49 6.97
CA LYS D 120 -6.65 -5.03 6.17
C LYS D 120 -6.31 -4.92 4.70
N ASP D 121 -5.05 -4.62 4.37
CA ASP D 121 -4.64 -4.63 2.96
C ASP D 121 -4.30 -6.04 2.50
N LEU D 122 -3.71 -6.86 3.37
CA LEU D 122 -3.45 -8.25 3.02
C LEU D 122 -4.75 -9.00 2.79
N ILE D 123 -5.72 -8.84 3.70
CA ILE D 123 -7.04 -9.42 3.48
C ILE D 123 -7.65 -8.89 2.20
N GLY D 124 -7.46 -7.61 1.91
CA GLY D 124 -7.93 -7.06 0.65
C GLY D 124 -7.30 -7.74 -0.55
N MET D 125 -5.97 -7.90 -0.51
CA MET D 125 -5.28 -8.50 -1.64
C MET D 125 -5.44 -10.01 -1.67
N PHE D 126 -5.58 -10.66 -0.50
CA PHE D 126 -5.89 -12.08 -0.45
C PHE D 126 -7.31 -12.38 -0.89
N ALA D 127 -8.18 -11.37 -0.94
CA ALA D 127 -9.55 -11.56 -1.44
C ALA D 127 -9.62 -11.46 -2.95
N ARG D 128 -8.94 -10.47 -3.54
CA ARG D 128 -8.88 -10.35 -4.99
C ARG D 128 -8.25 -11.60 -5.59
N GLU D 129 -7.06 -11.97 -5.11
CA GLU D 129 -6.47 -13.24 -5.51
C GLU D 129 -7.30 -14.39 -4.96
N ALA D 130 -7.37 -15.47 -5.74
CA ALA D 130 -8.22 -16.62 -5.42
C ALA D 130 -9.68 -16.18 -5.26
N ALA D 131 -10.20 -15.55 -6.31
CA ALA D 131 -11.56 -15.05 -6.32
C ALA D 131 -12.55 -16.15 -6.67
#